data_4ABA
#
_entry.id   4ABA
#
_cell.length_a   54.513
_cell.length_b   58.474
_cell.length_c   66.693
_cell.angle_alpha   90.00
_cell.angle_beta   90.00
_cell.angle_gamma   90.00
#
_symmetry.space_group_name_H-M   'P 21 21 21'
#
loop_
_entity.id
_entity.type
_entity.pdbx_description
1 polymer 'CATIONIC TRYPSIN'
2 non-polymer 'SULFATE ION'
3 non-polymer 'CALCIUM ION'
4 non-polymer 1,2-ETHANEDIOL
5 non-polymer 'DIMETHYL SULFOXIDE'
6 non-polymer 1-[2-(thiophen-2-yl)-1,3-thiazol-4-yl]methanamine
7 water water
#
_entity_poly.entity_id   1
_entity_poly.type   'polypeptide(L)'
_entity_poly.pdbx_seq_one_letter_code
;IVGGYTCGANTVPYQVSLNSGYHFCGGSLINSQWVVSAAHCYKSGIQVRLGEDNINVVEGNEQFISASKSIVHPSYNSNT
LNNDIMLIKLKSAASLNSRVASISLPTSCASAGTQCLISGWGNTKSSGTSYPDVLKCLKAPILSDSSCKSAYPGQITSNM
FCAGYLEGGKDSCQGDSGGPVVCSGKLQGIVSWGSGCAQKNKPGVYTKVCNYVSWIKQTIASN
;
_entity_poly.pdbx_strand_id   A
#
loop_
_chem_comp.id
_chem_comp.type
_chem_comp.name
_chem_comp.formula
CA non-polymer 'CALCIUM ION' 'Ca 2'
DMS non-polymer 'DIMETHYL SULFOXIDE' 'C2 H6 O S'
EDO non-polymer 1,2-ETHANEDIOL 'C2 H6 O2'
SO4 non-polymer 'SULFATE ION' 'O4 S -2'
SW1 non-polymer 1-[2-(thiophen-2-yl)-1,3-thiazol-4-yl]methanamine 'C8 H8 N2 S2'
#
# COMPACT_ATOMS: atom_id res chain seq x y z
N ILE A 1 2.00 3.57 -10.52
CA ILE A 1 3.50 3.24 -10.48
C ILE A 1 4.13 3.84 -11.75
N VAL A 2 5.13 4.68 -11.53
CA VAL A 2 5.88 5.27 -12.65
C VAL A 2 7.17 4.48 -12.82
N GLY A 3 7.49 4.10 -14.09
CA GLY A 3 8.79 3.45 -14.38
C GLY A 3 8.83 2.01 -13.90
N GLY A 4 7.70 1.35 -13.67
CA GLY A 4 7.60 -0.07 -13.29
C GLY A 4 7.37 -1.00 -14.43
N TYR A 5 6.82 -2.16 -14.14
CA TYR A 5 6.64 -3.23 -15.13
C TYR A 5 5.27 -3.86 -14.85
N THR A 6 4.73 -4.45 -15.89
CA THR A 6 3.46 -5.25 -15.67
C THR A 6 3.73 -6.45 -14.79
N CYS A 7 3.08 -6.57 -13.65
CA CYS A 7 3.39 -7.64 -12.72
C CYS A 7 3.13 -9.00 -13.33
N GLY A 8 2.05 -9.14 -14.06
CA GLY A 8 1.52 -10.44 -14.43
C GLY A 8 0.30 -10.76 -13.60
N ALA A 9 -0.71 -11.38 -14.23
CA ALA A 9 -2.00 -11.57 -13.52
C ALA A 9 -1.85 -12.42 -12.32
N ASN A 10 -2.35 -11.87 -11.18
CA ASN A 10 -2.43 -12.61 -9.95
C ASN A 10 -1.08 -13.03 -9.37
N THR A 11 0.00 -12.35 -9.75
CA THR A 11 1.34 -12.66 -9.18
C THR A 11 1.58 -11.93 -7.91
N VAL A 12 0.66 -11.03 -7.48
CA VAL A 12 0.77 -10.26 -6.24
C VAL A 12 -0.48 -10.52 -5.44
N PRO A 13 -0.65 -11.73 -4.86
CA PRO A 13 -1.98 -12.23 -4.51
C PRO A 13 -2.62 -11.57 -3.30
N TYR A 14 -1.82 -10.81 -2.56
CA TYR A 14 -2.31 -10.04 -1.41
C TYR A 14 -2.74 -8.65 -1.83
N GLN A 15 -2.51 -8.20 -3.08
CA GLN A 15 -2.91 -6.87 -3.52
C GLN A 15 -4.39 -6.76 -3.68
N VAL A 16 -5.09 -5.86 -3.02
N VAL A 16 -4.95 -5.72 -3.10
CA VAL A 16 -6.52 -5.66 -3.29
CA VAL A 16 -6.38 -5.40 -3.22
C VAL A 16 -6.65 -4.22 -3.84
C VAL A 16 -6.54 -4.12 -4.01
N SER A 17 -7.77 -4.03 -4.58
CA SER A 17 -8.29 -2.73 -5.04
C SER A 17 -9.45 -2.34 -4.14
N LEU A 18 -9.47 -1.12 -3.64
CA LEU A 18 -10.62 -0.54 -2.93
C LEU A 18 -11.48 0.19 -3.92
N ASN A 19 -12.77 -0.16 -3.99
CA ASN A 19 -13.66 0.32 -5.03
C ASN A 19 -14.84 0.97 -4.35
N SER A 20 -15.18 2.19 -4.81
CA SER A 20 -16.40 2.88 -4.31
C SER A 20 -17.21 3.35 -5.57
N GLY A 21 -17.33 2.47 -6.56
CA GLY A 21 -17.86 2.82 -7.88
C GLY A 21 -16.78 2.85 -8.95
N TYR A 22 -15.51 2.78 -8.49
CA TYR A 22 -14.31 2.95 -9.25
C TYR A 22 -13.14 2.60 -8.26
N HIS A 23 -12.02 2.17 -8.86
CA HIS A 23 -10.81 2.01 -8.00
C HIS A 23 -10.37 3.35 -7.44
N PHE A 24 -10.02 3.44 -6.15
CA PHE A 24 -9.49 4.68 -5.62
C PHE A 24 -8.24 4.45 -4.74
N CYS A 25 -7.93 3.24 -4.29
CA CYS A 25 -6.76 3.00 -3.43
C CYS A 25 -6.44 1.54 -3.47
N GLY A 26 -5.19 1.22 -3.18
CA GLY A 26 -4.80 -0.15 -2.91
C GLY A 26 -4.96 -0.54 -1.46
N GLY A 27 -4.66 -1.81 -1.20
CA GLY A 27 -4.61 -2.36 0.15
C GLY A 27 -3.93 -3.69 0.10
N SER A 28 -3.75 -4.32 1.27
CA SER A 28 -3.02 -5.60 1.37
C SER A 28 -3.85 -6.54 2.28
N LEU A 29 -4.13 -7.75 1.77
CA LEU A 29 -4.90 -8.73 2.55
C LEU A 29 -3.94 -9.32 3.58
N ILE A 30 -4.34 -9.26 4.85
CA ILE A 30 -3.43 -9.82 5.90
C ILE A 30 -4.04 -11.04 6.60
N ASN A 31 -5.33 -11.32 6.40
CA ASN A 31 -5.92 -12.64 6.78
C ASN A 31 -7.20 -12.72 6.03
N SER A 32 -8.02 -13.80 6.20
CA SER A 32 -9.15 -13.97 5.35
C SER A 32 -10.22 -12.90 5.53
N GLN A 33 -10.18 -12.13 6.64
N GLN A 33 -10.12 -12.11 6.59
CA GLN A 33 -11.23 -11.14 6.98
CA GLN A 33 -11.17 -11.13 6.80
C GLN A 33 -10.72 -9.66 6.92
C GLN A 33 -10.71 -9.65 7.00
N TRP A 34 -9.41 -9.41 6.84
CA TRP A 34 -8.88 -8.07 7.13
C TRP A 34 -7.92 -7.61 6.08
N VAL A 35 -8.03 -6.32 5.75
CA VAL A 35 -7.14 -5.62 4.81
C VAL A 35 -6.48 -4.46 5.54
N VAL A 36 -5.13 -4.26 5.30
N VAL A 36 -5.22 -4.17 5.24
N VAL A 36 -5.22 -4.19 5.21
CA VAL A 36 -4.28 -3.04 5.66
CA VAL A 36 -4.67 -2.97 5.81
CA VAL A 36 -4.62 -3.00 5.74
C VAL A 36 -4.37 -2.02 4.52
C VAL A 36 -4.39 -2.03 4.61
C VAL A 36 -4.33 -2.02 4.58
N SER A 37 -4.67 -0.75 4.84
CA SER A 37 -4.51 0.31 3.80
C SER A 37 -4.03 1.56 4.52
N ALA A 38 -4.05 2.67 3.77
CA ALA A 38 -3.66 3.96 4.33
C ALA A 38 -4.88 4.63 4.96
N ALA A 39 -4.72 5.30 6.08
CA ALA A 39 -5.82 6.09 6.67
C ALA A 39 -6.30 7.17 5.69
N HIS A 40 -5.45 7.74 4.87
CA HIS A 40 -5.93 8.79 3.94
C HIS A 40 -6.81 8.19 2.88
N CYS A 41 -6.94 6.86 2.73
CA CYS A 41 -7.88 6.21 1.87
C CYS A 41 -9.23 5.98 2.59
N TYR A 42 -9.47 6.41 3.80
CA TYR A 42 -10.74 6.16 4.42
C TYR A 42 -11.89 6.81 3.60
N LYS A 43 -12.97 6.05 3.49
N LYS A 43 -12.91 5.98 3.36
CA LYS A 43 -14.32 6.59 3.19
CA LYS A 43 -14.26 6.41 2.93
C LYS A 43 -15.26 5.47 3.54
C LYS A 43 -15.25 5.37 3.39
N SER A 44 -16.54 5.81 3.50
CA SER A 44 -17.60 4.79 3.69
C SER A 44 -17.96 4.14 2.31
N GLY A 45 -18.63 3.01 2.44
CA GLY A 45 -19.16 2.37 1.13
C GLY A 45 -18.00 1.72 0.36
N ILE A 46 -17.03 1.12 1.04
CA ILE A 46 -15.90 0.45 0.33
C ILE A 46 -16.34 -0.97 -0.05
N GLN A 47 -16.07 -1.36 -1.29
CA GLN A 47 -16.04 -2.75 -1.70
C GLN A 47 -14.60 -3.15 -1.94
N VAL A 48 -14.15 -4.21 -1.29
CA VAL A 48 -12.81 -4.74 -1.46
C VAL A 48 -12.81 -5.69 -2.64
N ARG A 49 -11.91 -5.51 -3.59
CA ARG A 49 -11.81 -6.39 -4.75
C ARG A 49 -10.46 -7.12 -4.73
N LEU A 50 -10.59 -8.43 -4.46
N LEU A 50 -10.58 -8.44 -4.61
CA LEU A 50 -9.47 -9.38 -4.40
CA LEU A 50 -9.45 -9.36 -4.46
C LEU A 50 -9.27 -10.12 -5.72
C LEU A 50 -9.38 -10.12 -5.72
N GLY A 51 -8.10 -10.68 -6.02
CA GLY A 51 -7.96 -11.52 -7.18
C GLY A 51 -7.98 -10.69 -8.49
N GLU A 52 -7.74 -9.37 -8.43
CA GLU A 52 -7.76 -8.49 -9.63
C GLU A 52 -6.48 -8.51 -10.41
N ASP A 53 -6.58 -8.46 -11.69
CA ASP A 53 -5.50 -8.01 -12.54
C ASP A 53 -5.98 -6.81 -13.34
N ASN A 54 -6.75 -6.99 -14.38
CA ASN A 54 -7.34 -5.86 -15.12
C ASN A 54 -8.57 -5.40 -14.33
N ILE A 55 -8.53 -4.24 -13.71
CA ILE A 55 -9.61 -3.79 -12.84
C ILE A 55 -10.86 -3.32 -13.63
N ASN A 56 -10.76 -3.28 -14.95
CA ASN A 56 -11.93 -2.96 -15.77
CA ASN A 56 -11.80 -2.92 -15.90
C ASN A 56 -12.55 -4.10 -16.48
N VAL A 57 -12.08 -5.33 -16.28
CA VAL A 57 -12.60 -6.52 -16.96
C VAL A 57 -12.74 -7.61 -15.98
N VAL A 58 -13.88 -8.34 -15.98
CA VAL A 58 -14.00 -9.53 -15.11
C VAL A 58 -13.27 -10.64 -15.77
N GLU A 59 -12.20 -11.14 -15.20
CA GLU A 59 -11.34 -12.16 -15.79
C GLU A 59 -11.49 -13.47 -15.14
N GLY A 60 -12.08 -13.67 -14.00
CA GLY A 60 -12.44 -15.03 -13.53
C GLY A 60 -11.82 -15.37 -12.25
N ASN A 61 -10.94 -14.59 -11.61
CA ASN A 61 -10.36 -14.93 -10.29
C ASN A 61 -10.76 -13.93 -9.18
N GLU A 62 -11.59 -12.97 -9.54
CA GLU A 62 -11.97 -11.96 -8.55
C GLU A 62 -12.83 -12.47 -7.43
N GLN A 63 -12.73 -11.83 -6.27
CA GLN A 63 -13.77 -11.94 -5.21
C GLN A 63 -14.11 -10.52 -4.82
N PHE A 64 -15.36 -10.11 -4.80
CA PHE A 64 -15.77 -8.72 -4.42
C PHE A 64 -16.49 -8.85 -3.10
N ILE A 65 -16.00 -8.21 -2.05
CA ILE A 65 -16.65 -8.36 -0.72
C ILE A 65 -16.70 -6.95 -0.10
N SER A 66 -17.86 -6.56 0.38
CA SER A 66 -18.08 -5.22 0.95
C SER A 66 -17.40 -5.19 2.32
N ALA A 67 -16.92 -4.02 2.72
CA ALA A 67 -16.40 -3.79 4.07
C ALA A 67 -17.54 -3.73 5.07
N SER A 68 -17.36 -4.38 6.22
CA SER A 68 -18.31 -4.19 7.33
C SER A 68 -17.90 -3.11 8.28
N LYS A 69 -16.61 -2.74 8.35
CA LYS A 69 -16.07 -1.80 9.40
CA LYS A 69 -16.16 -1.69 9.29
C LYS A 69 -14.75 -1.31 8.85
N SER A 70 -14.48 -0.02 9.07
N SER A 70 -14.36 -0.09 9.12
CA SER A 70 -13.17 0.59 8.87
CA SER A 70 -12.93 0.23 8.96
C SER A 70 -12.63 1.10 10.25
C SER A 70 -12.62 1.04 10.14
N ILE A 71 -11.32 0.92 10.52
CA ILE A 71 -10.74 1.44 11.73
C ILE A 71 -9.52 2.20 11.32
N VAL A 72 -9.59 3.53 11.42
CA VAL A 72 -8.43 4.42 11.24
C VAL A 72 -7.59 4.45 12.49
N HIS A 73 -6.26 4.47 12.32
CA HIS A 73 -5.40 4.50 13.50
C HIS A 73 -5.81 5.61 14.48
N PRO A 74 -5.71 5.34 15.78
N PRO A 74 -5.84 5.34 15.73
CA PRO A 74 -6.08 6.34 16.83
CA PRO A 74 -6.33 6.42 16.56
C PRO A 74 -5.32 7.64 16.73
C PRO A 74 -5.47 7.70 16.53
N SER A 75 -4.14 7.62 16.23
CA SER A 75 -3.28 8.81 16.19
C SER A 75 -3.07 9.33 14.81
N TYR A 76 -3.86 8.91 13.83
CA TYR A 76 -3.70 9.46 12.46
C TYR A 76 -3.89 10.96 12.46
N ASN A 77 -2.95 11.69 11.82
CA ASN A 77 -3.09 13.14 11.61
C ASN A 77 -3.07 13.36 10.10
N SER A 78 -4.17 13.87 9.59
CA SER A 78 -4.34 13.99 8.15
C SER A 78 -3.56 15.18 7.54
N ASN A 79 -3.06 16.11 8.40
CA ASN A 79 -2.21 17.24 7.93
C ASN A 79 -0.78 16.76 7.74
N THR A 80 -0.21 16.02 8.67
CA THR A 80 1.20 15.56 8.64
C THR A 80 1.29 14.19 8.02
N LEU A 81 0.19 13.45 7.89
CA LEU A 81 0.12 12.04 7.50
C LEU A 81 0.87 11.14 8.47
N ASN A 82 1.14 11.59 9.67
CA ASN A 82 1.68 10.69 10.69
C ASN A 82 0.64 9.59 11.05
N ASN A 83 1.11 8.35 11.13
CA ASN A 83 0.25 7.19 11.44
C ASN A 83 -0.80 6.93 10.31
N ASP A 84 -0.30 6.94 9.07
CA ASP A 84 -1.21 6.82 7.92
C ASP A 84 -1.49 5.33 7.66
N ILE A 85 -2.38 4.76 8.49
CA ILE A 85 -2.71 3.31 8.43
C ILE A 85 -4.16 3.15 8.89
N MET A 86 -4.86 2.24 8.22
N MET A 86 -4.80 2.14 8.31
CA MET A 86 -6.20 1.87 8.69
CA MET A 86 -6.22 1.84 8.52
C MET A 86 -6.36 0.37 8.38
C MET A 86 -6.47 0.36 8.26
N LEU A 87 -7.35 -0.24 9.08
CA LEU A 87 -7.77 -1.63 8.89
C LEU A 87 -9.16 -1.64 8.37
N ILE A 88 -9.47 -2.57 7.49
N ILE A 88 -9.43 -2.59 7.45
CA ILE A 88 -10.82 -2.72 6.93
CA ILE A 88 -10.74 -2.78 6.80
C ILE A 88 -11.22 -4.19 7.09
C ILE A 88 -11.23 -4.20 7.00
N LYS A 89 -12.35 -4.43 7.75
CA LYS A 89 -12.86 -5.82 7.90
C LYS A 89 -13.86 -6.07 6.81
N LEU A 90 -13.77 -7.29 6.24
CA LEU A 90 -14.67 -7.76 5.20
C LEU A 90 -15.90 -8.34 5.79
N LYS A 91 -17.07 -8.12 5.15
CA LYS A 91 -18.36 -8.67 5.68
CA LYS A 91 -18.36 -8.69 5.62
C LYS A 91 -18.37 -10.20 5.67
N SER A 92 -17.60 -10.85 4.83
CA SER A 92 -17.48 -12.34 4.78
C SER A 92 -16.03 -12.64 4.55
N ALA A 93 -15.53 -13.83 4.91
CA ALA A 93 -14.18 -14.20 4.74
C ALA A 93 -13.86 -14.45 3.26
N ALA A 94 -12.76 -13.97 2.75
CA ALA A 94 -12.28 -14.34 1.43
C ALA A 94 -11.95 -15.79 1.39
N SER A 95 -12.19 -16.40 0.22
N SER A 95 -12.05 -16.41 0.24
CA SER A 95 -11.64 -17.74 -0.11
CA SER A 95 -11.62 -17.81 0.06
C SER A 95 -10.16 -17.64 -0.44
C SER A 95 -10.22 -17.80 -0.46
N LEU A 96 -9.26 -18.20 0.39
CA LEU A 96 -7.88 -18.06 0.11
C LEU A 96 -7.43 -19.12 -0.86
N ASN A 97 -6.56 -18.81 -1.80
CA ASN A 97 -6.07 -19.75 -2.79
C ASN A 97 -4.76 -19.21 -3.37
N SER A 98 -4.22 -19.78 -4.41
CA SER A 98 -2.91 -19.32 -4.88
CA SER A 98 -2.97 -19.31 -4.91
C SER A 98 -2.97 -17.87 -5.40
N ARG A 99 -4.10 -17.39 -5.86
N ARG A 99 -4.12 -17.35 -5.74
CA ARG A 99 -4.24 -16.05 -6.46
CA ARG A 99 -4.22 -16.07 -6.44
C ARG A 99 -4.88 -15.03 -5.48
C ARG A 99 -4.76 -15.05 -5.46
N VAL A 100 -5.31 -15.46 -4.33
CA VAL A 100 -5.86 -14.56 -3.29
C VAL A 100 -5.28 -15.02 -1.96
N ALA A 101 -4.31 -14.36 -1.44
CA ALA A 101 -3.51 -14.87 -0.34
C ALA A 101 -3.13 -13.77 0.59
N SER A 102 -3.01 -14.02 1.86
N SER A 102 -3.05 -14.02 1.90
CA SER A 102 -2.61 -12.98 2.79
CA SER A 102 -2.57 -13.00 2.84
C SER A 102 -1.07 -12.84 2.81
C SER A 102 -1.10 -12.79 2.61
N ILE A 103 -0.63 -11.65 3.13
CA ILE A 103 0.78 -11.35 3.30
C ILE A 103 1.13 -11.27 4.78
N SER A 104 2.20 -11.89 5.21
N SER A 104 2.30 -11.81 5.13
CA SER A 104 2.67 -11.87 6.60
CA SER A 104 2.85 -11.84 6.49
C SER A 104 3.02 -10.42 7.02
C SER A 104 3.09 -10.41 7.03
N LEU A 105 2.74 -10.16 8.30
CA LEU A 105 3.22 -8.95 8.96
C LEU A 105 4.70 -9.11 9.34
N PRO A 106 5.43 -8.07 9.45
CA PRO A 106 6.85 -8.18 9.83
C PRO A 106 6.97 -8.64 11.28
N THR A 107 8.06 -9.34 11.54
CA THR A 107 8.51 -9.62 12.91
C THR A 107 9.58 -8.68 13.35
N SER A 108 10.28 -7.84 12.47
CA SER A 108 11.20 -6.75 12.79
C SER A 108 11.14 -5.76 11.60
N CYS A 109 11.57 -4.60 11.89
CA CYS A 109 11.63 -3.52 10.88
C CYS A 109 12.68 -3.86 9.81
N ALA A 110 12.55 -3.56 8.56
CA ALA A 110 13.54 -3.75 7.55
C ALA A 110 14.50 -2.63 7.52
N SER A 111 15.71 -2.85 7.09
CA SER A 111 16.77 -1.83 7.04
C SER A 111 16.83 -1.14 5.64
N ALA A 112 17.38 0.05 5.69
CA ALA A 112 17.76 0.74 4.44
C ALA A 112 18.62 -0.23 3.61
N GLY A 113 18.40 -0.23 2.33
CA GLY A 113 19.09 -1.08 1.34
C GLY A 113 18.31 -2.36 1.03
N THR A 114 17.33 -2.73 1.90
N THR A 114 17.34 -2.80 1.79
CA THR A 114 16.50 -3.93 1.65
CA THR A 114 16.67 -4.01 1.34
C THR A 114 15.70 -3.66 0.38
C THR A 114 15.81 -3.65 0.08
N GLN A 115 15.60 -4.72 -0.39
N GLN A 115 15.77 -4.59 -0.84
CA GLN A 115 14.88 -4.69 -1.67
CA GLN A 115 14.88 -4.45 -1.99
C GLN A 115 13.40 -4.95 -1.39
C GLN A 115 13.50 -4.98 -1.66
N CYS A 116 12.52 -4.20 -2.08
CA CYS A 116 11.07 -4.45 -1.85
C CYS A 116 10.31 -4.39 -3.15
N LEU A 117 9.10 -4.88 -3.12
CA LEU A 117 8.14 -4.83 -4.26
C LEU A 117 6.99 -3.93 -3.89
N ILE A 118 6.80 -2.90 -4.71
CA ILE A 118 5.69 -1.91 -4.58
C ILE A 118 4.74 -2.12 -5.72
N SER A 119 3.44 -2.10 -5.51
CA SER A 119 2.53 -2.43 -6.62
C SER A 119 1.27 -1.62 -6.54
N GLY A 120 0.59 -1.45 -7.67
CA GLY A 120 -0.68 -0.72 -7.68
C GLY A 120 -1.14 -0.38 -9.08
N TRP A 121 -2.35 0.21 -9.09
CA TRP A 121 -3.05 0.62 -10.31
C TRP A 121 -2.99 2.14 -10.44
N GLY A 122 -2.05 2.83 -9.80
CA GLY A 122 -1.93 4.28 -9.87
C GLY A 122 -1.37 4.77 -11.23
N ASN A 123 -1.32 6.09 -11.32
CA ASN A 123 -0.81 6.75 -12.54
C ASN A 123 0.61 6.24 -12.90
N THR A 124 0.84 6.10 -14.21
CA THR A 124 2.15 5.63 -14.68
C THR A 124 2.97 6.79 -15.26
N LYS A 125 2.49 8.04 -15.24
N LYS A 125 2.47 8.05 -15.17
CA LYS A 125 3.33 9.14 -15.80
CA LYS A 125 3.18 9.28 -15.68
C LYS A 125 3.68 10.14 -14.67
C LYS A 125 3.70 10.15 -14.57
N SER A 126 4.92 10.70 -14.76
CA SER A 126 5.43 11.68 -13.75
C SER A 126 5.01 13.11 -14.13
N SER A 127 4.66 13.39 -15.40
CA SER A 127 3.99 14.65 -15.91
C SER A 127 2.71 14.19 -16.66
N GLY A 128 1.57 14.69 -16.27
CA GLY A 128 0.47 14.21 -17.02
C GLY A 128 -0.07 12.95 -16.36
N THR A 129 -0.97 12.28 -17.08
N THR A 129 -0.97 12.28 -17.07
CA THR A 129 -1.78 11.23 -16.44
CA THR A 129 -1.84 11.28 -16.44
C THR A 129 -2.15 10.13 -17.42
C THR A 129 -2.18 10.14 -17.39
N SER A 130 -1.92 8.90 -16.95
CA SER A 130 -2.35 7.70 -17.68
C SER A 130 -2.52 6.62 -16.65
N TYR A 131 -3.69 6.04 -16.52
CA TYR A 131 -3.96 5.01 -15.51
C TYR A 131 -4.02 3.72 -16.19
N PRO A 132 -3.32 2.69 -15.67
CA PRO A 132 -3.27 1.41 -16.27
C PRO A 132 -4.55 0.57 -15.84
N ASP A 133 -4.81 -0.38 -16.68
N ASP A 133 -4.87 -0.39 -16.64
CA ASP A 133 -5.83 -1.36 -16.30
CA ASP A 133 -5.96 -1.26 -16.25
C ASP A 133 -5.32 -2.54 -15.46
C ASP A 133 -5.41 -2.47 -15.46
N VAL A 134 -4.11 -3.02 -15.83
N VAL A 134 -4.17 -2.82 -15.72
CA VAL A 134 -3.51 -4.15 -15.17
CA VAL A 134 -3.60 -4.00 -15.14
C VAL A 134 -2.56 -3.65 -14.08
C VAL A 134 -2.58 -3.64 -14.09
N LEU A 135 -2.27 -4.59 -13.17
CA LEU A 135 -1.46 -4.23 -12.00
C LEU A 135 0.00 -3.97 -12.39
N LYS A 136 0.59 -2.87 -11.90
CA LYS A 136 2.02 -2.52 -12.14
C LYS A 136 2.81 -2.75 -10.89
N CYS A 137 4.10 -3.04 -11.11
CA CYS A 137 5.04 -3.43 -10.07
C CYS A 137 6.31 -2.60 -10.20
N LEU A 138 7.02 -2.43 -9.08
CA LEU A 138 8.31 -1.76 -9.04
C LEU A 138 9.16 -2.37 -7.97
N LYS A 139 10.37 -2.80 -8.31
CA LYS A 139 11.35 -3.21 -7.30
C LYS A 139 12.10 -1.99 -6.88
N ALA A 140 12.23 -1.71 -5.57
CA ALA A 140 12.86 -0.46 -5.10
C ALA A 140 13.46 -0.77 -3.76
N PRO A 141 14.57 -0.07 -3.43
CA PRO A 141 15.18 -0.26 -2.12
C PRO A 141 14.63 0.75 -1.09
N ILE A 142 14.63 0.33 0.17
CA ILE A 142 14.43 1.30 1.24
C ILE A 142 15.61 2.23 1.33
N LEU A 143 15.39 3.51 1.48
CA LEU A 143 16.46 4.51 1.63
C LEU A 143 16.76 4.80 3.07
N SER A 144 17.98 5.25 3.34
N SER A 144 17.96 5.33 3.28
CA SER A 144 18.32 5.57 4.70
CA SER A 144 18.37 5.70 4.62
C SER A 144 17.40 6.67 5.28
C SER A 144 17.42 6.71 5.26
N ASP A 145 17.21 6.63 6.59
CA ASP A 145 16.52 7.66 7.36
CA ASP A 145 16.44 7.68 7.23
C ASP A 145 17.10 9.04 7.05
N SER A 146 18.45 9.08 7.05
CA SER A 146 19.05 10.37 6.89
C SER A 146 18.79 10.92 5.49
N SER A 147 18.86 10.13 4.38
N SER A 147 18.81 10.03 4.51
CA SER A 147 18.53 10.70 3.07
CA SER A 147 18.54 10.47 3.19
C SER A 147 17.03 11.01 2.94
C SER A 147 17.08 10.96 3.03
N CYS A 148 16.19 10.24 3.66
CA CYS A 148 14.75 10.55 3.62
C CYS A 148 14.46 11.94 4.26
N LYS A 149 15.11 12.19 5.36
N LYS A 149 14.97 12.07 5.50
CA LYS A 149 14.97 13.50 6.03
CA LYS A 149 14.78 13.33 6.24
C LYS A 149 15.52 14.61 5.30
C LYS A 149 15.49 14.43 5.45
N SER A 150 16.59 14.40 4.56
N SER A 150 16.68 14.18 4.89
CA SER A 150 17.19 15.48 3.82
CA SER A 150 17.30 15.19 3.95
C SER A 150 16.38 15.73 2.59
C SER A 150 16.35 15.68 2.80
N ALA A 151 15.71 14.72 2.09
CA ALA A 151 14.81 14.92 0.99
C ALA A 151 13.58 15.76 1.37
N TYR A 152 13.05 15.56 2.61
CA TYR A 152 11.82 16.18 3.03
C TYR A 152 12.05 16.75 4.44
N PRO A 153 12.79 17.89 4.50
CA PRO A 153 13.05 18.53 5.78
C PRO A 153 11.75 18.81 6.57
N GLY A 154 11.81 18.48 7.85
CA GLY A 154 10.74 18.79 8.77
C GLY A 154 9.51 17.87 8.62
N GLN A 155 9.53 16.81 7.81
N GLN A 155 9.51 16.86 7.76
CA GLN A 155 8.28 16.05 7.55
CA GLN A 155 8.28 16.07 7.46
C GLN A 155 8.33 14.56 7.73
C GLN A 155 8.34 14.57 7.88
N ILE A 156 9.53 14.01 7.98
CA ILE A 156 9.61 12.52 8.13
C ILE A 156 9.60 12.19 9.59
N THR A 157 8.59 11.44 10.06
CA THR A 157 8.48 10.96 11.42
C THR A 157 9.04 9.59 11.56
N SER A 158 9.14 9.10 12.80
CA SER A 158 9.56 7.73 13.05
C SER A 158 8.62 6.67 12.53
N ASN A 159 7.42 7.10 12.04
CA ASN A 159 6.44 6.15 11.49
C ASN A 159 6.46 6.18 9.97
N MET A 160 7.54 6.69 9.34
CA MET A 160 7.63 6.81 7.88
C MET A 160 8.98 6.35 7.39
N PHE A 161 9.10 5.79 6.22
CA PHE A 161 10.40 5.62 5.58
C PHE A 161 10.26 5.98 4.12
N CYS A 162 11.39 6.25 3.48
CA CYS A 162 11.45 6.49 2.04
C CYS A 162 11.91 5.25 1.34
N ALA A 163 11.41 5.04 0.13
CA ALA A 163 11.91 3.95 -0.74
C ALA A 163 11.87 4.45 -2.15
N GLY A 164 12.80 3.93 -2.97
CA GLY A 164 12.83 4.37 -4.37
C GLY A 164 14.23 4.83 -4.81
N TYR A 165 14.26 5.91 -5.56
CA TYR A 165 15.49 6.27 -6.36
C TYR A 165 15.64 7.75 -6.31
N LEU A 166 16.66 8.24 -5.66
CA LEU A 166 16.87 9.71 -5.58
C LEU A 166 17.06 10.35 -6.96
N GLU A 167 17.49 9.56 -7.93
N GLU A 167 17.43 9.61 -8.00
CA GLU A 167 17.63 10.05 -9.24
CA GLU A 167 17.53 10.20 -9.34
C GLU A 167 16.33 10.32 -9.93
C GLU A 167 16.19 10.36 -9.99
N GLY A 168 15.18 9.82 -9.38
CA GLY A 168 13.83 9.96 -10.00
C GLY A 168 13.57 8.85 -11.05
N GLY A 169 12.49 8.96 -11.74
CA GLY A 169 12.10 8.03 -12.83
C GLY A 169 11.28 6.86 -12.38
N LYS A 170 11.35 6.36 -11.21
N LYS A 170 11.44 6.39 -11.10
CA LYS A 170 10.67 5.10 -10.77
CA LYS A 170 10.76 5.16 -10.61
C LYS A 170 10.13 5.37 -9.37
C LYS A 170 10.10 5.50 -9.32
N ASP A 171 8.78 5.30 -9.21
CA ASP A 171 8.13 5.68 -7.93
C ASP A 171 6.73 5.19 -7.92
N SER A 172 6.06 5.19 -6.78
CA SER A 172 4.62 5.12 -6.69
C SER A 172 3.98 6.41 -7.02
N CYS A 173 2.65 6.42 -7.22
CA CYS A 173 1.96 7.65 -7.62
C CYS A 173 0.53 7.63 -7.23
N GLN A 174 -0.26 8.65 -7.66
N GLN A 174 -0.19 8.71 -7.51
N GLN A 174 -0.23 8.69 -7.66
CA GLN A 174 -1.66 8.78 -7.26
CA GLN A 174 -1.58 8.81 -7.12
CA GLN A 174 -1.67 8.84 -7.39
C GLN A 174 -2.44 7.55 -7.69
C GLN A 174 -2.40 7.58 -7.65
C GLN A 174 -2.44 7.55 -7.72
N GLY A 175 -3.20 7.01 -6.78
CA GLY A 175 -3.96 5.76 -7.04
C GLY A 175 -3.26 4.51 -6.53
N ASP A 176 -1.97 4.61 -6.20
CA ASP A 176 -1.24 3.54 -5.53
C ASP A 176 -1.46 3.56 -4.05
N SER A 177 -1.88 4.69 -3.50
N SER A 177 -1.87 4.73 -3.57
CA SER A 177 -1.96 4.89 -2.05
CA SER A 177 -2.23 4.99 -2.21
C SER A 177 -2.71 3.78 -1.37
C SER A 177 -2.76 3.79 -1.41
N GLY A 178 -2.19 3.43 -0.26
CA GLY A 178 -2.78 2.38 0.57
C GLY A 178 -2.23 0.97 0.21
N GLY A 179 -1.56 0.86 -0.96
CA GLY A 179 -1.04 -0.45 -1.36
C GLY A 179 0.27 -0.86 -0.66
N PRO A 180 0.70 -2.09 -1.03
CA PRO A 180 1.81 -2.75 -0.30
C PRO A 180 3.20 -2.29 -0.79
N VAL A 181 4.09 -2.38 0.22
CA VAL A 181 5.56 -2.47 0.01
C VAL A 181 5.97 -3.72 0.76
N VAL A 182 6.35 -4.76 -0.04
CA VAL A 182 6.65 -6.08 0.56
C VAL A 182 8.12 -6.35 0.36
N CYS A 183 8.79 -6.81 1.42
CA CYS A 183 10.28 -6.99 1.39
C CYS A 183 10.54 -8.34 2.05
N SER A 184 11.15 -9.27 1.29
CA SER A 184 11.46 -10.62 1.83
C SER A 184 10.16 -11.24 2.34
N GLY A 185 9.03 -11.09 1.63
CA GLY A 185 7.82 -11.80 2.00
C GLY A 185 7.07 -11.18 3.20
N LYS A 186 7.41 -9.98 3.63
CA LYS A 186 6.72 -9.31 4.78
C LYS A 186 6.20 -7.96 4.29
N LEU A 187 5.06 -7.57 4.84
CA LEU A 187 4.51 -6.23 4.51
C LEU A 187 5.22 -5.21 5.40
N GLN A 188 6.17 -4.46 4.83
N GLN A 188 6.16 -4.46 4.79
CA GLN A 188 6.88 -3.48 5.61
CA GLN A 188 6.95 -3.48 5.51
C GLN A 188 6.40 -2.04 5.41
C GLN A 188 6.41 -2.04 5.36
N GLY A 189 5.66 -1.78 4.29
CA GLY A 189 5.19 -0.40 4.05
C GLY A 189 3.85 -0.34 3.46
N ILE A 190 3.25 0.86 3.57
N ILE A 190 3.28 0.86 3.58
CA ILE A 190 2.01 1.19 2.88
CA ILE A 190 2.05 1.26 2.87
C ILE A 190 2.26 2.47 2.09
C ILE A 190 2.30 2.50 2.05
N VAL A 191 1.85 2.48 0.79
CA VAL A 191 2.02 3.68 -0.02
C VAL A 191 1.32 4.83 0.63
N SER A 192 2.03 5.91 0.97
CA SER A 192 1.48 7.02 1.81
C SER A 192 1.55 8.33 1.07
N TRP A 193 2.73 8.91 0.74
CA TRP A 193 2.72 10.28 0.14
C TRP A 193 4.04 10.49 -0.51
N GLY A 194 4.18 11.71 -1.08
N GLY A 194 4.03 11.51 -1.39
CA GLY A 194 5.47 12.21 -1.61
CA GLY A 194 5.27 12.03 -2.02
C GLY A 194 5.26 13.61 -2.11
C GLY A 194 5.10 13.41 -2.58
N SER A 195 6.03 14.08 -3.04
N SER A 195 6.20 14.17 -2.84
CA SER A 195 5.72 15.39 -3.69
CA SER A 195 6.12 15.42 -3.66
C SER A 195 5.75 15.13 -5.22
C SER A 195 6.17 15.04 -5.07
N GLY A 196 4.83 15.11 -5.79
CA GLY A 196 4.79 14.57 -7.19
C GLY A 196 5.17 13.10 -7.20
N CYS A 197 5.57 12.66 -8.36
CA CYS A 197 5.95 11.22 -8.55
C CYS A 197 7.15 11.14 -9.36
N ALA A 198 8.15 10.38 -8.94
CA ALA A 198 9.30 10.04 -9.75
C ALA A 198 10.15 11.31 -10.04
N GLN A 199 10.05 12.33 -9.19
CA GLN A 199 10.92 13.52 -9.35
C GLN A 199 12.21 13.29 -8.62
N LYS A 200 13.28 13.94 -9.14
CA LYS A 200 14.59 13.89 -8.53
C LYS A 200 14.54 14.39 -7.08
N ASN A 201 15.17 13.62 -6.21
CA ASN A 201 15.29 13.99 -4.79
C ASN A 201 13.97 13.97 -3.98
N LYS A 202 12.91 13.39 -4.58
CA LYS A 202 11.56 13.33 -3.95
C LYS A 202 11.07 11.89 -4.06
N PRO A 203 11.71 10.99 -3.31
CA PRO A 203 11.25 9.55 -3.35
C PRO A 203 9.91 9.42 -2.64
N GLY A 204 9.29 8.27 -2.89
CA GLY A 204 8.03 8.00 -2.12
C GLY A 204 8.27 7.80 -0.65
N VAL A 205 7.24 8.14 0.09
CA VAL A 205 7.20 7.99 1.55
C VAL A 205 6.11 7.00 1.90
N TYR A 206 6.43 6.10 2.85
CA TYR A 206 5.66 4.90 3.14
C TYR A 206 5.45 4.79 4.62
N THR A 207 4.27 4.33 5.07
CA THR A 207 3.99 4.08 6.46
C THR A 207 4.81 2.87 6.91
N LYS A 208 5.46 3.02 8.08
CA LYS A 208 6.39 2.01 8.61
C LYS A 208 5.61 0.95 9.39
N VAL A 209 5.15 -0.10 8.68
CA VAL A 209 4.20 -1.11 9.21
C VAL A 209 4.72 -1.79 10.47
N CYS A 210 6.04 -2.02 10.56
CA CYS A 210 6.56 -2.73 11.76
C CYS A 210 6.24 -2.01 13.00
N ASN A 211 5.99 -0.72 13.00
CA ASN A 211 5.61 -0.01 14.24
C ASN A 211 4.22 -0.32 14.72
N TYR A 212 3.40 -0.95 13.91
CA TYR A 212 1.92 -1.09 14.10
C TYR A 212 1.50 -2.50 14.30
N VAL A 213 2.42 -3.47 14.33
CA VAL A 213 2.02 -4.84 14.44
C VAL A 213 1.21 -5.13 15.72
N SER A 214 1.62 -4.62 16.85
N SER A 214 1.63 -4.60 16.85
N SER A 214 1.66 -4.60 16.83
CA SER A 214 0.83 -4.94 18.05
CA SER A 214 0.86 -4.86 18.09
CA SER A 214 0.94 -4.81 18.06
C SER A 214 -0.57 -4.26 18.04
C SER A 214 -0.58 -4.32 17.94
C SER A 214 -0.53 -4.32 17.92
N TRP A 215 -0.68 -3.08 17.44
CA TRP A 215 -2.02 -2.47 17.24
C TRP A 215 -2.84 -3.30 16.24
N ILE A 216 -2.25 -3.76 15.14
CA ILE A 216 -3.00 -4.55 14.20
C ILE A 216 -3.52 -5.83 14.87
N LYS A 217 -2.60 -6.55 15.54
CA LYS A 217 -3.05 -7.82 16.13
C LYS A 217 -4.10 -7.64 17.19
N GLN A 218 -3.91 -6.66 18.07
N GLN A 218 -3.92 -6.65 18.06
CA GLN A 218 -4.91 -6.52 19.14
CA GLN A 218 -4.89 -6.38 19.13
C GLN A 218 -6.23 -6.03 18.57
C GLN A 218 -6.23 -6.07 18.52
N THR A 219 -6.21 -5.15 17.55
CA THR A 219 -7.44 -4.71 16.91
C THR A 219 -8.17 -5.85 16.30
N ILE A 220 -7.46 -6.71 15.54
CA ILE A 220 -8.13 -7.91 14.94
C ILE A 220 -8.70 -8.80 16.03
N ALA A 221 -7.98 -8.99 17.12
CA ALA A 221 -8.39 -9.91 18.21
C ALA A 221 -9.69 -9.50 18.86
N SER A 222 -10.12 -8.23 18.78
CA SER A 222 -11.28 -7.70 19.43
C SER A 222 -12.31 -7.14 18.51
N ASN A 223 -12.20 -7.34 17.22
CA ASN A 223 -13.13 -6.76 16.26
C ASN A 223 -13.54 -7.78 15.22
S SO4 B . 14.07 17.04 10.26
O1 SO4 B . 13.94 15.61 9.97
O2 SO4 B . 14.35 17.87 9.04
O3 SO4 B . 14.97 17.40 11.39
O4 SO4 B . 12.63 17.27 10.66
S SO4 C . 2.09 16.24 4.09
O1 SO4 C . 1.84 17.50 4.79
O2 SO4 C . 2.71 15.11 4.81
O3 SO4 C . 2.86 16.32 2.78
O4 SO4 C . 0.79 15.85 3.62
S SO4 D . -3.50 9.66 -3.42
O1 SO4 D . -4.29 10.60 -4.29
O2 SO4 D . -2.72 8.65 -4.15
O3 SO4 D . -4.45 8.95 -2.55
O4 SO4 D . -2.74 10.51 -2.44
CA CA E . -10.86 -7.81 -13.11
C1 EDO F . -16.52 -11.21 -8.83
O1 EDO F . -17.85 -11.49 -8.29
C2 EDO F . -16.83 -10.76 -10.29
O2 EDO F . -17.46 -11.80 -11.12
C1 EDO G . -15.29 -3.29 -13.51
O1 EDO G . -16.32 -3.10 -12.48
C2 EDO G . -15.22 -4.81 -13.97
O2 EDO G . -15.25 -5.67 -12.89
C1 EDO H . -12.29 0.23 -11.84
O1 EDO H . -12.08 1.70 -11.64
C2 EDO H . -13.47 -0.07 -12.74
O2 EDO H . -13.21 0.43 -14.08
C1 EDO I . 10.99 -0.26 7.19
O1 EDO I . 10.79 -1.15 8.33
C2 EDO I . 12.01 0.88 7.31
O2 EDO I . 12.78 0.65 8.50
S DMS J . -5.49 16.76 11.88
O DMS J . -5.72 15.49 12.69
C1 DMS J . -5.37 17.96 13.10
C2 DMS J . -6.94 17.30 11.30
S DMS K . 6.13 -9.73 -9.32
O DMS K . 5.42 -10.46 -10.42
C1 DMS K . 7.72 -9.54 -9.97
C2 DMS K . 6.34 -10.86 -8.02
C1 SW1 L . 4.85 8.74 -4.05
N1 SW1 L . 5.31 9.39 -5.33
S1 SW1 L . 0.88 8.54 -3.45
C2 SW1 L . 3.35 8.99 -3.93
N2 SW1 L . 2.59 10.00 -4.48
S2 SW1 L . 0.71 12.08 -6.14
C3 SW1 L . 2.50 8.10 -3.34
C4 SW1 L . 1.31 9.93 -4.30
C5 SW1 L . 0.38 10.95 -4.84
C6 SW1 L . -0.89 11.19 -4.37
C7 SW1 L . -1.54 12.29 -5.03
C8 SW1 L . -0.80 12.87 -6.01
#